data_4Y9O
#
_entry.id   4Y9O
#
_cell.length_a   64.530
_cell.length_b   64.530
_cell.length_c   134.080
_cell.angle_alpha   90.00
_cell.angle_beta   90.00
_cell.angle_gamma   90.00
#
_symmetry.space_group_name_H-M   'P 43 21 2'
#
loop_
_entity.id
_entity.type
_entity.pdbx_description
1 polymer PA3825-EAL
2 non-polymer 'PHOSPHATE ION'
3 water water
#
_entity_poly.entity_id   1
_entity_poly.type   'polypeptide(L)'
_entity_poly.pdbx_seq_one_letter_code
;SRRVASPSSELRRALEANEFIPYYQPLSPGQGGRWIGVEVLMRWRHPREGLIRPDLFIPFAERSGLIVPMTRALMRQVAE
DLGGHAGKLEPGFHIGFNISATHCHELALVDDCRELLAAFPPGHITLVLELTERELIESSEVTDRLFDELHALGVKIAID
DFGTGHSSLAYLRKFQVDCLKIDQSFVARIGIDTLSGHILDSIVELSAKLDLDIVAEGVETPEQRDYLAARGVDYLQGYL
IGRPMPLESLLSSLTVQEQQGAS
;
_entity_poly.pdbx_strand_id   A
#
loop_
_chem_comp.id
_chem_comp.type
_chem_comp.name
_chem_comp.formula
PO4 non-polymer 'PHOSPHATE ION' 'O4 P -3'
#
# COMPACT_ATOMS: atom_id res chain seq x y z
N ALA A 5 -22.71 20.00 16.38
CA ALA A 5 -21.86 19.44 15.27
C ALA A 5 -21.58 17.94 15.44
N SER A 6 -21.62 17.21 14.33
CA SER A 6 -21.41 15.78 14.33
C SER A 6 -20.22 15.48 13.43
N PRO A 7 -19.09 15.04 14.02
CA PRO A 7 -17.95 14.59 13.26
C PRO A 7 -18.31 13.57 12.18
N SER A 8 -19.19 12.63 12.53
CA SER A 8 -19.64 11.60 11.58
C SER A 8 -20.37 12.24 10.40
N SER A 9 -21.30 13.16 10.63
CA SER A 9 -21.97 13.84 9.49
C SER A 9 -21.02 14.69 8.65
N GLU A 10 -20.03 15.32 9.29
CA GLU A 10 -18.97 16.07 8.59
C GLU A 10 -18.14 15.17 7.67
N LEU A 11 -17.77 13.99 8.13
CA LEU A 11 -17.12 13.01 7.25
C LEU A 11 -17.99 12.64 6.05
N ARG A 12 -19.29 12.42 6.30
CA ARG A 12 -20.23 12.11 5.18
C ARG A 12 -20.35 13.29 4.20
N ARG A 13 -20.39 14.50 4.73
CA ARG A 13 -20.45 15.73 3.91
C ARG A 13 -19.20 15.85 3.03
N ALA A 14 -18.04 15.67 3.64
CA ALA A 14 -16.79 15.70 2.92
C ALA A 14 -16.73 14.66 1.77
N LEU A 15 -17.19 13.43 2.03
CA LEU A 15 -17.19 12.36 1.03
C LEU A 15 -18.12 12.73 -0.12
N GLU A 16 -19.30 13.21 0.22
CA GLU A 16 -20.25 13.69 -0.79
C GLU A 16 -19.64 14.82 -1.63
N ALA A 17 -18.92 15.73 -0.97
CA ALA A 17 -18.26 16.84 -1.65
C ALA A 17 -16.94 16.50 -2.37
N ASN A 18 -16.54 15.25 -2.40
CA ASN A 18 -15.32 14.81 -3.08
C ASN A 18 -14.06 15.47 -2.51
N GLU A 19 -14.01 15.62 -1.19
CA GLU A 19 -12.86 16.21 -0.53
C GLU A 19 -11.76 15.21 -0.17
N PHE A 20 -12.03 13.90 -0.32
CA PHE A 20 -11.02 12.88 -0.10
C PHE A 20 -10.35 12.58 -1.44
N ILE A 21 -9.05 12.84 -1.49
CA ILE A 21 -8.27 12.90 -2.73
C ILE A 21 -7.18 11.85 -2.66
N PRO A 22 -6.91 11.14 -3.77
CA PRO A 22 -5.75 10.27 -3.79
C PRO A 22 -4.44 11.02 -3.99
N TYR A 23 -3.47 10.74 -3.13
CA TYR A 23 -2.09 11.17 -3.34
C TYR A 23 -1.31 9.91 -3.67
N TYR A 24 -0.35 10.04 -4.57
CA TYR A 24 0.37 8.91 -5.10
C TYR A 24 1.84 8.97 -4.70
N GLN A 25 2.30 7.94 -3.99
CA GLN A 25 3.67 7.85 -3.54
C GLN A 25 4.40 6.80 -4.36
N PRO A 26 5.46 7.21 -5.07
CA PRO A 26 6.11 6.30 -5.99
C PRO A 26 6.90 5.17 -5.30
N LEU A 27 6.93 4.01 -5.96
N LEU A 27 6.97 4.04 -5.99
CA LEU A 27 7.76 2.88 -5.54
CA LEU A 27 7.71 2.87 -5.56
C LEU A 27 8.84 2.71 -6.57
C LEU A 27 8.83 2.65 -6.57
N SER A 28 10.06 2.50 -6.09
CA SER A 28 11.23 2.32 -6.94
C SER A 28 11.81 0.91 -6.76
N PRO A 29 12.44 0.34 -7.82
CA PRO A 29 13.14 -0.91 -7.60
C PRO A 29 14.30 -0.75 -6.65
N GLY A 30 14.58 -1.78 -5.86
CA GLY A 30 15.75 -1.77 -4.97
C GLY A 30 17.05 -1.37 -5.65
N GLN A 31 17.24 -1.88 -6.86
CA GLN A 31 18.42 -1.56 -7.70
C GLN A 31 18.27 -0.29 -8.57
N GLY A 32 17.24 0.50 -8.33
CA GLY A 32 17.02 1.76 -9.04
C GLY A 32 16.39 1.58 -10.41
N GLY A 33 16.02 2.69 -11.02
CA GLY A 33 15.42 2.69 -12.37
C GLY A 33 14.06 3.32 -12.30
N ARG A 34 13.25 3.16 -13.33
CA ARG A 34 12.01 3.90 -13.38
C ARG A 34 11.05 3.29 -12.32
N TRP A 35 10.15 4.13 -11.86
CA TRP A 35 9.17 3.70 -10.85
C TRP A 35 8.43 2.45 -11.34
N ILE A 36 8.15 1.52 -10.42
CA ILE A 36 7.45 0.29 -10.74
C ILE A 36 6.03 0.29 -10.16
N GLY A 37 5.66 1.38 -9.49
CA GLY A 37 4.31 1.48 -8.93
C GLY A 37 4.09 2.72 -8.13
N VAL A 38 2.88 2.81 -7.57
CA VAL A 38 2.56 3.81 -6.58
C VAL A 38 1.75 3.22 -5.45
N GLU A 39 1.87 3.83 -4.27
N GLU A 39 1.95 3.75 -4.23
CA GLU A 39 0.99 3.55 -3.18
CA GLU A 39 1.00 3.56 -3.14
C GLU A 39 0.06 4.76 -3.01
C GLU A 39 0.04 4.75 -3.20
N VAL A 40 -1.24 4.48 -2.99
CA VAL A 40 -2.26 5.50 -2.95
C VAL A 40 -2.56 5.79 -1.50
N LEU A 41 -2.54 7.08 -1.16
N LEU A 41 -2.43 7.08 -1.16
CA LEU A 41 -2.81 7.52 0.20
CA LEU A 41 -2.79 7.62 0.14
C LEU A 41 -3.94 8.56 0.18
C LEU A 41 -4.07 8.43 0.03
N MET A 42 -4.93 8.36 1.05
CA MET A 42 -6.11 9.20 1.08
C MET A 42 -5.87 10.49 1.89
N ARG A 43 -5.90 11.64 1.22
N ARG A 43 -5.85 11.65 1.24
CA ARG A 43 -5.81 12.93 1.90
CA ARG A 43 -5.76 12.93 1.96
C ARG A 43 -7.16 13.64 1.89
C ARG A 43 -7.13 13.63 1.90
N TRP A 44 -7.40 14.46 2.91
CA TRP A 44 -8.62 15.27 2.98
C TRP A 44 -8.25 16.69 2.61
N ARG A 45 -8.73 17.17 1.48
CA ARG A 45 -8.52 18.53 1.08
C ARG A 45 -9.64 19.35 1.68
N HIS A 46 -9.41 19.82 2.89
CA HIS A 46 -10.43 20.47 3.63
C HIS A 46 -10.39 21.97 3.25
N PRO A 47 -11.55 22.56 2.93
CA PRO A 47 -11.49 23.96 2.45
C PRO A 47 -10.93 25.01 3.42
N ARG A 48 -11.11 24.77 4.72
CA ARG A 48 -10.62 25.64 5.79
C ARG A 48 -9.26 25.23 6.42
N GLU A 49 -9.09 23.95 6.69
CA GLU A 49 -7.91 23.43 7.37
C GLU A 49 -6.76 23.15 6.39
N GLY A 50 -7.07 23.03 5.11
CA GLY A 50 -6.07 22.64 4.12
C GLY A 50 -5.95 21.14 4.06
N LEU A 51 -4.79 20.67 3.62
CA LEU A 51 -4.64 19.27 3.27
C LEU A 51 -4.29 18.49 4.54
N ILE A 52 -5.16 17.55 4.90
CA ILE A 52 -5.01 16.74 6.11
C ILE A 52 -4.59 15.31 5.73
N ARG A 53 -3.58 14.80 6.40
CA ARG A 53 -3.05 13.45 6.15
C ARG A 53 -3.90 12.36 6.87
N PRO A 54 -3.94 11.14 6.31
CA PRO A 54 -4.88 10.10 6.74
C PRO A 54 -4.72 9.66 8.19
N ASP A 55 -3.50 9.69 8.74
CA ASP A 55 -3.37 9.33 10.17
C ASP A 55 -4.18 10.22 11.10
N LEU A 56 -4.54 11.42 10.65
CA LEU A 56 -5.35 12.35 11.43
C LEU A 56 -6.86 12.17 11.37
N PHE A 57 -7.36 11.33 10.46
CA PHE A 57 -8.82 11.13 10.32
C PHE A 57 -9.29 9.69 10.03
N ILE A 58 -8.42 8.84 9.52
CA ILE A 58 -8.86 7.49 9.15
C ILE A 58 -9.32 6.71 10.36
N PRO A 59 -8.58 6.80 11.50
CA PRO A 59 -9.03 6.08 12.68
C PRO A 59 -10.42 6.48 13.13
N PHE A 60 -10.73 7.75 13.06
CA PHE A 60 -12.06 8.18 13.37
C PHE A 60 -13.11 7.68 12.32
N ALA A 61 -12.74 7.73 11.06
CA ALA A 61 -13.62 7.26 9.97
C ALA A 61 -13.96 5.78 10.18
N GLU A 62 -12.96 5.00 10.61
CA GLU A 62 -13.21 3.59 10.93
C GLU A 62 -14.22 3.42 12.05
N ARG A 63 -14.05 4.16 13.15
CA ARG A 63 -14.99 4.17 14.26
C ARG A 63 -16.40 4.60 13.80
N SER A 64 -16.47 5.60 12.93
N SER A 64 -16.47 5.59 12.93
CA SER A 64 -17.75 6.11 12.42
CA SER A 64 -17.76 6.09 12.42
C SER A 64 -18.51 5.11 11.53
C SER A 64 -18.51 5.13 11.50
N GLY A 65 -17.82 4.11 10.98
CA GLY A 65 -18.37 3.18 10.02
C GLY A 65 -18.30 3.63 8.57
N LEU A 66 -17.50 4.65 8.23
CA LEU A 66 -17.50 5.25 6.87
C LEU A 66 -16.27 4.88 6.06
N ILE A 67 -15.36 4.11 6.67
CA ILE A 67 -14.10 3.86 6.01
C ILE A 67 -14.29 3.11 4.71
N VAL A 68 -15.22 2.18 4.65
CA VAL A 68 -15.37 1.41 3.40
C VAL A 68 -15.89 2.26 2.23
N PRO A 69 -16.99 3.04 2.42
CA PRO A 69 -17.37 3.97 1.32
C PRO A 69 -16.25 4.98 0.91
N MET A 70 -15.46 5.41 1.88
CA MET A 70 -14.37 6.32 1.58
C MET A 70 -13.29 5.67 0.70
N THR A 71 -12.93 4.45 1.08
CA THR A 71 -11.94 3.67 0.32
C THR A 71 -12.48 3.31 -1.06
N ARG A 72 -13.76 2.96 -1.15
CA ARG A 72 -14.39 2.71 -2.44
C ARG A 72 -14.33 3.95 -3.36
N ALA A 73 -14.67 5.12 -2.84
CA ALA A 73 -14.58 6.36 -3.61
C ALA A 73 -13.14 6.64 -4.05
N LEU A 74 -12.18 6.37 -3.17
CA LEU A 74 -10.77 6.51 -3.51
C LEU A 74 -10.38 5.60 -4.69
N MET A 75 -10.76 4.32 -4.60
CA MET A 75 -10.45 3.37 -5.69
C MET A 75 -11.08 3.79 -7.02
N ARG A 76 -12.32 4.27 -6.96
CA ARG A 76 -12.98 4.85 -8.14
C ARG A 76 -12.29 6.09 -8.71
N GLN A 77 -11.81 6.98 -7.86
CA GLN A 77 -11.06 8.13 -8.31
C GLN A 77 -9.75 7.71 -8.99
N VAL A 78 -9.06 6.71 -8.45
CA VAL A 78 -7.81 6.22 -9.02
C VAL A 78 -8.04 5.69 -10.44
N ALA A 79 -9.14 4.95 -10.61
CA ALA A 79 -9.50 4.44 -11.93
C ALA A 79 -9.72 5.55 -12.90
N GLU A 80 -10.44 6.59 -12.50
N GLU A 80 -10.46 6.58 -12.49
CA GLU A 80 -10.68 7.75 -13.34
CA GLU A 80 -10.67 7.75 -13.33
C GLU A 80 -9.41 8.58 -13.62
C GLU A 80 -9.34 8.44 -13.66
N ASP A 81 -8.53 8.68 -12.64
CA ASP A 81 -7.25 9.37 -12.79
C ASP A 81 -6.27 8.70 -13.74
N LEU A 82 -6.15 7.37 -13.63
CA LEU A 82 -5.07 6.63 -14.31
C LEU A 82 -5.51 5.66 -15.41
N GLY A 83 -6.77 5.25 -15.43
CA GLY A 83 -7.29 4.31 -16.46
C GLY A 83 -7.11 4.75 -17.90
N GLY A 84 -7.14 6.06 -18.15
CA GLY A 84 -6.88 6.62 -19.48
C GLY A 84 -5.42 6.86 -19.85
N HIS A 85 -4.48 6.50 -18.97
CA HIS A 85 -3.03 6.78 -19.14
C HIS A 85 -2.18 5.52 -19.05
N ALA A 86 -2.70 4.39 -19.55
CA ALA A 86 -2.00 3.11 -19.45
C ALA A 86 -0.68 3.13 -20.26
N GLY A 87 -0.63 3.89 -21.34
CA GLY A 87 0.60 4.07 -22.12
C GLY A 87 1.78 4.64 -21.34
N LYS A 88 1.48 5.38 -20.25
CA LYS A 88 2.52 5.92 -19.33
C LYS A 88 2.93 4.97 -18.21
N LEU A 89 2.25 3.81 -18.10
CA LEU A 89 2.55 2.83 -17.07
C LEU A 89 3.10 1.60 -17.75
N GLU A 90 4.33 1.19 -17.41
CA GLU A 90 4.87 -0.06 -17.94
C GLU A 90 4.06 -1.23 -17.42
N PRO A 91 3.72 -2.19 -18.29
CA PRO A 91 2.99 -3.37 -17.86
C PRO A 91 3.48 -3.94 -16.53
N GLY A 92 2.54 -4.22 -15.63
CA GLY A 92 2.85 -4.80 -14.33
C GLY A 92 2.93 -3.73 -13.24
N PHE A 93 2.70 -2.46 -13.60
CA PHE A 93 2.77 -1.32 -12.66
C PHE A 93 1.92 -1.62 -11.40
N HIS A 94 2.51 -1.45 -10.22
CA HIS A 94 1.81 -1.71 -8.98
C HIS A 94 0.96 -0.51 -8.55
N ILE A 95 -0.27 -0.79 -8.15
CA ILE A 95 -1.12 0.21 -7.50
C ILE A 95 -1.54 -0.33 -6.13
N GLY A 96 -1.08 0.33 -5.08
CA GLY A 96 -1.28 -0.11 -3.71
C GLY A 96 -2.31 0.72 -2.93
N PHE A 97 -3.15 0.04 -2.15
CA PHE A 97 -4.03 0.67 -1.18
C PHE A 97 -3.85 0.07 0.23
N ASN A 98 -4.01 0.92 1.23
CA ASN A 98 -4.18 0.46 2.62
C ASN A 98 -5.62 0.14 2.84
N ILE A 99 -5.86 -1.11 3.22
CA ILE A 99 -7.20 -1.60 3.41
C ILE A 99 -7.46 -1.78 4.90
N SER A 100 -8.62 -1.30 5.34
CA SER A 100 -8.96 -1.28 6.74
C SER A 100 -9.42 -2.66 7.16
N ALA A 101 -9.32 -2.98 8.45
CA ALA A 101 -9.81 -4.27 8.96
C ALA A 101 -11.29 -4.55 8.61
N THR A 102 -12.15 -3.53 8.70
CA THR A 102 -13.56 -3.74 8.42
C THR A 102 -13.79 -4.13 6.94
N HIS A 103 -12.96 -3.59 6.01
CA HIS A 103 -13.08 -3.84 4.58
C HIS A 103 -12.80 -5.32 4.27
N CYS A 104 -11.88 -5.90 5.06
N CYS A 104 -11.88 -5.92 5.02
CA CYS A 104 -11.53 -7.33 5.00
CA CYS A 104 -11.58 -7.33 4.82
C CYS A 104 -12.54 -8.28 5.57
C CYS A 104 -12.45 -8.27 5.68
N HIS A 105 -13.52 -7.76 6.29
CA HIS A 105 -14.56 -8.59 6.88
C HIS A 105 -15.76 -8.76 5.93
N GLU A 106 -15.68 -8.19 4.71
CA GLU A 106 -16.76 -8.17 3.72
C GLU A 106 -16.26 -8.68 2.38
N LEU A 107 -17.12 -9.33 1.60
CA LEU A 107 -16.73 -9.78 0.25
C LEU A 107 -16.81 -8.69 -0.84
N ALA A 108 -17.42 -7.54 -0.54
CA ALA A 108 -17.54 -6.44 -1.52
C ALA A 108 -16.20 -5.93 -2.03
N LEU A 109 -15.17 -6.09 -1.22
CA LEU A 109 -13.83 -5.78 -1.62
C LEU A 109 -13.41 -6.46 -2.93
N VAL A 110 -13.87 -7.69 -3.16
CA VAL A 110 -13.61 -8.39 -4.43
C VAL A 110 -14.20 -7.60 -5.62
N ASP A 111 -15.45 -7.17 -5.48
CA ASP A 111 -16.08 -6.36 -6.52
C ASP A 111 -15.32 -5.02 -6.75
N ASP A 112 -14.89 -4.41 -5.65
CA ASP A 112 -14.18 -3.13 -5.71
C ASP A 112 -12.86 -3.34 -6.50
N CYS A 113 -12.16 -4.42 -6.17
CA CYS A 113 -10.93 -4.78 -6.89
C CYS A 113 -11.18 -5.10 -8.37
N ARG A 114 -12.19 -5.93 -8.66
N ARG A 114 -12.18 -5.94 -8.65
CA ARG A 114 -12.52 -6.28 -10.03
CA ARG A 114 -12.52 -6.27 -10.02
C ARG A 114 -12.81 -5.00 -10.84
C ARG A 114 -12.80 -4.99 -10.84
N GLU A 115 -13.52 -4.05 -10.23
CA GLU A 115 -13.87 -2.79 -10.91
C GLU A 115 -12.67 -1.94 -11.25
N LEU A 116 -11.74 -1.81 -10.30
CA LEU A 116 -10.56 -1.00 -10.54
C LEU A 116 -9.73 -1.62 -11.67
N LEU A 117 -9.57 -2.95 -11.61
CA LEU A 117 -8.77 -3.66 -12.62
C LEU A 117 -9.37 -3.54 -14.04
N ALA A 118 -10.69 -3.52 -14.13
CA ALA A 118 -11.39 -3.34 -15.42
C ALA A 118 -11.15 -1.99 -16.06
N ALA A 119 -10.69 -1.00 -15.27
CA ALA A 119 -10.37 0.31 -15.86
C ALA A 119 -9.03 0.35 -16.60
N PHE A 120 -8.31 -0.76 -16.63
CA PHE A 120 -7.01 -0.83 -17.28
C PHE A 120 -7.04 -2.01 -18.22
N PRO A 121 -6.10 -2.08 -19.18
CA PRO A 121 -6.09 -3.27 -20.05
C PRO A 121 -5.81 -4.50 -19.20
N PRO A 122 -6.30 -5.66 -19.64
CA PRO A 122 -6.14 -6.87 -18.80
C PRO A 122 -4.67 -7.16 -18.46
N GLY A 123 -4.39 -7.40 -17.18
CA GLY A 123 -3.04 -7.67 -16.72
C GLY A 123 -2.06 -6.50 -16.69
N HIS A 124 -2.48 -5.30 -17.13
CA HIS A 124 -1.59 -4.16 -17.24
C HIS A 124 -1.08 -3.65 -15.87
N ILE A 125 -1.90 -3.73 -14.83
CA ILE A 125 -1.49 -3.29 -13.49
C ILE A 125 -1.54 -4.45 -12.50
N THR A 126 -0.81 -4.31 -11.41
CA THR A 126 -0.93 -5.21 -10.26
C THR A 126 -1.47 -4.45 -9.06
N LEU A 127 -2.67 -4.83 -8.62
CA LEU A 127 -3.27 -4.24 -7.47
C LEU A 127 -2.73 -4.92 -6.21
N VAL A 128 -2.30 -4.13 -5.23
CA VAL A 128 -1.69 -4.59 -4.01
C VAL A 128 -2.47 -4.02 -2.82
N LEU A 129 -2.99 -4.88 -1.98
CA LEU A 129 -3.71 -4.46 -0.78
C LEU A 129 -2.87 -4.69 0.45
N GLU A 130 -2.77 -3.68 1.30
CA GLU A 130 -1.92 -3.73 2.48
C GLU A 130 -2.77 -3.88 3.72
N LEU A 131 -2.46 -4.94 4.44
CA LEU A 131 -3.15 -5.35 5.64
C LEU A 131 -2.20 -5.55 6.79
N THR A 132 -2.74 -5.75 7.98
CA THR A 132 -1.91 -6.08 9.14
C THR A 132 -2.02 -7.54 9.47
N GLU A 133 -1.04 -8.04 10.21
CA GLU A 133 -1.03 -9.45 10.61
C GLU A 133 -2.29 -9.80 11.38
N ARG A 134 -2.82 -8.85 12.15
CA ARG A 134 -4.08 -9.06 12.89
C ARG A 134 -5.21 -9.61 12.01
N GLU A 135 -5.34 -9.12 10.79
CA GLU A 135 -6.40 -9.58 9.84
C GLU A 135 -6.26 -11.09 9.50
N LEU A 136 -5.04 -11.64 9.57
CA LEU A 136 -4.79 -13.07 9.36
C LEU A 136 -5.02 -13.93 10.59
N ILE A 137 -4.63 -13.41 11.75
CA ILE A 137 -4.81 -14.12 13.01
C ILE A 137 -6.29 -14.12 13.42
N GLU A 138 -6.93 -12.97 13.24
CA GLU A 138 -8.37 -12.81 13.56
C GLU A 138 -9.21 -13.06 12.31
N SER A 139 -9.08 -14.27 11.78
CA SER A 139 -9.65 -14.63 10.50
C SER A 139 -10.79 -15.62 10.72
N SER A 140 -11.62 -15.75 9.67
CA SER A 140 -12.78 -16.64 9.64
C SER A 140 -12.91 -17.23 8.23
N GLU A 141 -13.99 -17.97 7.99
CA GLU A 141 -14.29 -18.50 6.67
C GLU A 141 -14.45 -17.40 5.63
N VAL A 142 -14.93 -16.23 6.06
CA VAL A 142 -15.04 -15.10 5.16
C VAL A 142 -13.65 -14.67 4.64
N THR A 143 -12.68 -14.64 5.55
CA THR A 143 -11.28 -14.25 5.22
C THR A 143 -10.71 -15.21 4.18
N ASP A 144 -10.91 -16.50 4.42
CA ASP A 144 -10.40 -17.55 3.53
C ASP A 144 -10.94 -17.32 2.13
N ARG A 145 -12.25 -17.11 2.04
CA ARG A 145 -12.92 -16.91 0.77
C ARG A 145 -12.48 -15.62 0.10
N LEU A 146 -12.37 -14.53 0.87
CA LEU A 146 -11.92 -13.24 0.35
C LEU A 146 -10.55 -13.28 -0.30
N PHE A 147 -9.59 -13.86 0.40
CA PHE A 147 -8.21 -13.90 -0.09
C PHE A 147 -8.09 -14.79 -1.32
N ASP A 148 -8.84 -15.89 -1.29
CA ASP A 148 -8.89 -16.83 -2.42
C ASP A 148 -9.40 -16.09 -3.65
N GLU A 149 -10.52 -15.42 -3.53
CA GLU A 149 -11.12 -14.68 -4.65
C GLU A 149 -10.23 -13.52 -5.12
N LEU A 150 -9.66 -12.75 -4.19
CA LEU A 150 -8.69 -11.70 -4.55
C LEU A 150 -7.49 -12.27 -5.30
N HIS A 151 -6.93 -13.36 -4.81
CA HIS A 151 -5.78 -13.95 -5.48
C HIS A 151 -6.14 -14.40 -6.91
N ALA A 152 -7.34 -14.94 -7.12
CA ALA A 152 -7.79 -15.32 -8.46
C ALA A 152 -7.93 -14.13 -9.41
N LEU A 153 -8.20 -12.95 -8.88
CA LEU A 153 -8.17 -11.73 -9.71
C LEU A 153 -6.75 -11.27 -10.06
N GLY A 154 -5.73 -11.83 -9.45
CA GLY A 154 -4.35 -11.36 -9.58
C GLY A 154 -3.95 -10.28 -8.57
N VAL A 155 -4.80 -10.04 -7.57
CA VAL A 155 -4.49 -9.07 -6.51
C VAL A 155 -3.44 -9.64 -5.58
N LYS A 156 -2.51 -8.81 -5.16
CA LYS A 156 -1.48 -9.23 -4.23
C LYS A 156 -1.74 -8.66 -2.83
N ILE A 157 -1.29 -9.39 -1.81
CA ILE A 157 -1.50 -8.96 -0.43
C ILE A 157 -0.16 -8.69 0.24
N ALA A 158 -0.05 -7.50 0.81
CA ALA A 158 1.13 -7.06 1.55
C ALA A 158 0.74 -6.97 3.01
N ILE A 159 1.63 -7.41 3.90
CA ILE A 159 1.39 -7.44 5.32
C ILE A 159 2.36 -6.53 6.08
N ASP A 160 1.83 -5.78 7.04
CA ASP A 160 2.67 -5.05 8.00
C ASP A 160 2.40 -5.52 9.44
N ASP A 161 3.23 -5.07 10.37
CA ASP A 161 3.08 -5.37 11.81
C ASP A 161 3.05 -6.88 12.10
N PHE A 162 4.04 -7.59 11.61
CA PHE A 162 4.05 -9.05 11.69
C PHE A 162 5.25 -9.54 12.51
N GLY A 163 5.12 -10.73 13.06
CA GLY A 163 6.19 -11.45 13.71
C GLY A 163 6.96 -12.20 12.64
N THR A 164 8.16 -12.62 12.98
CA THR A 164 9.04 -13.27 11.99
C THR A 164 9.36 -14.72 12.34
N GLY A 165 8.82 -15.23 13.43
CA GLY A 165 9.07 -16.61 13.82
C GLY A 165 8.10 -17.60 13.19
N HIS A 166 8.24 -18.87 13.59
CA HIS A 166 7.40 -19.99 13.06
C HIS A 166 5.87 -19.77 13.24
N SER A 167 5.46 -19.14 14.33
N SER A 167 5.47 -19.13 14.32
CA SER A 167 4.06 -18.83 14.57
CA SER A 167 4.05 -18.89 14.55
C SER A 167 3.47 -17.96 13.46
C SER A 167 3.44 -17.93 13.50
N SER A 168 4.14 -16.86 13.16
CA SER A 168 3.70 -15.94 12.11
C SER A 168 3.85 -16.57 10.74
N LEU A 169 4.90 -17.35 10.56
CA LEU A 169 5.10 -18.06 9.29
C LEU A 169 3.87 -18.89 8.92
N ALA A 170 3.26 -19.55 9.89
CA ALA A 170 2.06 -20.37 9.62
C ALA A 170 0.88 -19.59 9.02
N TYR A 171 0.62 -18.39 9.54
CA TYR A 171 -0.42 -17.53 8.99
C TYR A 171 -0.07 -17.06 7.58
N LEU A 172 1.17 -16.66 7.39
CA LEU A 172 1.57 -16.12 6.09
C LEU A 172 1.50 -17.18 5.00
N ARG A 173 1.85 -18.39 5.38
CA ARG A 173 1.77 -19.57 4.52
C ARG A 173 0.33 -19.96 4.19
N LYS A 174 -0.50 -20.07 5.21
CA LYS A 174 -1.92 -20.41 5.03
C LYS A 174 -2.64 -19.48 4.06
N PHE A 175 -2.41 -18.17 4.18
CA PHE A 175 -3.12 -17.22 3.36
C PHE A 175 -2.37 -16.87 2.08
N GLN A 176 -1.17 -17.44 1.89
CA GLN A 176 -0.35 -17.18 0.71
C GLN A 176 -0.19 -15.68 0.42
N VAL A 177 0.20 -14.96 1.48
CA VAL A 177 0.56 -13.52 1.39
C VAL A 177 1.69 -13.35 0.38
N ASP A 178 1.75 -12.21 -0.27
CA ASP A 178 2.70 -11.96 -1.34
C ASP A 178 3.89 -11.06 -1.02
N CYS A 179 3.70 -10.14 -0.08
N CYS A 179 3.72 -10.19 -0.04
CA CYS A 179 4.72 -9.16 0.26
CA CYS A 179 4.67 -9.10 0.22
C CYS A 179 4.73 -8.85 1.74
C CYS A 179 4.71 -8.72 1.70
N LEU A 180 5.91 -8.48 2.21
CA LEU A 180 6.12 -7.96 3.58
C LEU A 180 6.60 -6.51 3.50
N LYS A 181 6.15 -5.68 4.42
CA LYS A 181 6.61 -4.26 4.53
C LYS A 181 7.71 -4.16 5.60
N ILE A 182 8.80 -3.47 5.31
CA ILE A 182 9.77 -3.08 6.37
C ILE A 182 9.34 -1.70 6.87
N ASP A 183 8.98 -1.61 8.15
CA ASP A 183 8.52 -0.35 8.71
C ASP A 183 9.61 0.72 8.64
N GLN A 184 9.22 1.97 8.47
CA GLN A 184 10.15 3.09 8.43
C GLN A 184 11.02 3.14 9.67
N SER A 185 10.50 2.70 10.81
CA SER A 185 11.27 2.81 12.08
C SER A 185 12.56 2.01 12.07
N PHE A 186 12.56 0.89 11.32
CA PHE A 186 13.75 0.06 11.15
C PHE A 186 14.70 0.69 10.16
N VAL A 187 14.15 1.15 9.03
CA VAL A 187 14.95 1.82 8.01
C VAL A 187 15.70 3.01 8.59
N ALA A 188 15.00 3.80 9.40
CA ALA A 188 15.63 4.98 9.99
C ALA A 188 16.84 4.70 10.88
N ARG A 189 16.95 3.48 11.40
N ARG A 189 16.95 3.47 11.39
CA ARG A 189 18.04 3.11 12.28
CA ARG A 189 18.03 3.13 12.28
C ARG A 189 19.13 2.30 11.57
C ARG A 189 19.19 2.41 11.56
N ILE A 190 19.08 2.22 10.23
CA ILE A 190 20.18 1.61 9.44
C ILE A 190 21.49 2.33 9.69
N GLY A 191 22.50 1.56 10.11
CA GLY A 191 23.83 2.08 10.35
C GLY A 191 24.04 2.77 11.68
N ILE A 192 22.98 2.85 12.47
CA ILE A 192 23.03 3.49 13.77
C ILE A 192 22.87 2.43 14.88
N ASP A 193 21.97 1.46 14.70
CA ASP A 193 21.56 0.52 15.75
C ASP A 193 21.72 -0.93 15.30
N THR A 194 22.54 -1.71 15.98
CA THR A 194 22.83 -3.09 15.56
C THR A 194 21.58 -3.97 15.65
N LEU A 195 20.88 -3.89 16.78
CA LEU A 195 19.61 -4.66 16.94
C LEU A 195 18.61 -4.44 15.82
N SER A 196 18.39 -3.17 15.45
N SER A 196 18.40 -3.18 15.43
CA SER A 196 17.52 -2.85 14.31
CA SER A 196 17.50 -2.85 14.32
C SER A 196 17.96 -3.59 13.05
C SER A 196 17.96 -3.49 13.00
N GLY A 197 19.27 -3.58 12.79
CA GLY A 197 19.84 -4.37 11.68
C GLY A 197 19.52 -5.86 11.74
N HIS A 198 19.61 -6.45 12.93
N HIS A 198 19.63 -6.45 12.93
CA HIS A 198 19.24 -7.84 13.16
CA HIS A 198 19.27 -7.85 13.15
C HIS A 198 17.75 -8.10 12.88
C HIS A 198 17.76 -8.11 12.91
N ILE A 199 16.90 -7.18 13.33
CA ILE A 199 15.46 -7.27 13.02
C ILE A 199 15.20 -7.22 11.52
N LEU A 200 15.80 -6.24 10.87
CA LEU A 200 15.71 -6.09 9.43
C LEU A 200 16.18 -7.36 8.71
N ASP A 201 17.29 -7.94 9.15
CA ASP A 201 17.74 -9.21 8.57
C ASP A 201 16.74 -10.37 8.77
N SER A 202 16.08 -10.38 9.91
CA SER A 202 15.04 -11.40 10.18
C SER A 202 13.84 -11.29 9.25
N ILE A 203 13.45 -10.06 8.94
CA ILE A 203 12.39 -9.83 7.96
C ILE A 203 12.83 -10.34 6.59
N VAL A 204 14.08 -10.05 6.22
CA VAL A 204 14.61 -10.50 4.93
C VAL A 204 14.64 -12.03 4.89
N GLU A 205 15.04 -12.64 5.99
CA GLU A 205 15.11 -14.08 6.08
C GLU A 205 13.73 -14.78 5.94
N LEU A 206 12.73 -14.26 6.65
CA LEU A 206 11.36 -14.76 6.48
C LEU A 206 10.86 -14.64 5.04
N SER A 207 11.12 -13.49 4.39
N SER A 207 11.14 -13.49 4.40
CA SER A 207 10.74 -13.30 2.98
CA SER A 207 10.76 -13.27 3.00
C SER A 207 11.39 -14.37 2.09
C SER A 207 11.45 -14.24 2.01
N ALA A 208 12.67 -14.65 2.33
CA ALA A 208 13.39 -15.66 1.51
C ALA A 208 12.75 -17.01 1.65
N LYS A 209 12.47 -17.37 2.90
CA LYS A 209 11.83 -18.63 3.22
C LYS A 209 10.49 -18.86 2.50
N LEU A 210 9.66 -17.83 2.42
CA LEU A 210 8.36 -17.95 1.78
C LEU A 210 8.28 -17.34 0.39
N ASP A 211 9.42 -16.96 -0.16
CA ASP A 211 9.51 -16.30 -1.46
C ASP A 211 8.58 -15.11 -1.61
N LEU A 212 8.69 -14.17 -0.68
CA LEU A 212 7.83 -12.99 -0.67
C LEU A 212 8.59 -11.79 -1.22
N ASP A 213 7.88 -10.84 -1.80
CA ASP A 213 8.48 -9.55 -2.11
C ASP A 213 8.57 -8.70 -0.85
N ILE A 214 9.52 -7.76 -0.82
CA ILE A 214 9.68 -6.84 0.31
C ILE A 214 9.58 -5.41 -0.20
N VAL A 215 8.79 -4.59 0.49
CA VAL A 215 8.75 -3.14 0.26
C VAL A 215 9.35 -2.49 1.51
N ALA A 216 10.37 -1.65 1.36
CA ALA A 216 10.88 -0.88 2.52
C ALA A 216 10.33 0.53 2.49
N GLU A 217 9.84 0.99 3.65
N GLU A 217 9.79 1.02 3.60
CA GLU A 217 9.25 2.32 3.85
CA GLU A 217 9.27 2.39 3.65
C GLU A 217 10.28 3.31 4.40
C GLU A 217 10.26 3.32 4.38
N GLY A 218 10.10 4.61 4.15
CA GLY A 218 10.91 5.64 4.79
C GLY A 218 12.35 5.69 4.38
N VAL A 219 12.61 5.35 3.13
CA VAL A 219 13.95 5.40 2.60
C VAL A 219 14.25 6.84 2.23
N GLU A 220 15.16 7.43 2.99
CA GLU A 220 15.50 8.83 2.91
C GLU A 220 16.92 9.10 2.46
N THR A 221 17.84 8.13 2.60
CA THR A 221 19.25 8.35 2.28
C THR A 221 19.81 7.30 1.35
N PRO A 222 20.82 7.66 0.55
CA PRO A 222 21.55 6.68 -0.25
C PRO A 222 22.12 5.52 0.56
N GLU A 223 22.62 5.78 1.77
CA GLU A 223 23.06 4.69 2.65
C GLU A 223 21.97 3.67 2.87
N GLN A 224 20.78 4.13 3.20
CA GLN A 224 19.66 3.24 3.46
C GLN A 224 19.32 2.47 2.19
N ARG A 225 19.26 3.16 1.06
CA ARG A 225 18.92 2.52 -0.23
C ARG A 225 19.92 1.43 -0.53
N ASP A 226 21.20 1.71 -0.35
CA ASP A 226 22.23 0.75 -0.71
C ASP A 226 22.22 -0.47 0.21
N TYR A 227 22.00 -0.24 1.49
CA TYR A 227 21.87 -1.29 2.52
C TYR A 227 20.75 -2.25 2.19
N LEU A 228 19.61 -1.68 1.76
CA LEU A 228 18.43 -2.46 1.45
C LEU A 228 18.63 -3.24 0.11
N ALA A 229 19.17 -2.58 -0.89
CA ALA A 229 19.51 -3.23 -2.15
C ALA A 229 20.47 -4.40 -1.97
N ALA A 230 21.46 -4.23 -1.09
CA ALA A 230 22.43 -5.28 -0.78
C ALA A 230 21.78 -6.54 -0.26
N ARG A 231 20.61 -6.40 0.39
CA ARG A 231 19.85 -7.52 0.94
C ARG A 231 18.73 -7.97 0.01
N GLY A 232 18.71 -7.47 -1.23
CA GLY A 232 17.71 -7.89 -2.22
C GLY A 232 16.29 -7.42 -2.00
N VAL A 233 16.12 -6.30 -1.29
CA VAL A 233 14.82 -5.74 -1.06
C VAL A 233 14.28 -5.26 -2.41
N ASP A 234 13.03 -5.63 -2.71
CA ASP A 234 12.50 -5.51 -4.04
C ASP A 234 12.11 -4.09 -4.38
N TYR A 235 11.45 -3.41 -3.44
CA TYR A 235 10.85 -2.11 -3.71
C TYR A 235 11.14 -1.16 -2.56
N LEU A 236 11.35 0.12 -2.90
CA LEU A 236 11.64 1.17 -1.94
C LEU A 236 10.67 2.32 -2.10
N GLN A 237 10.31 2.92 -0.97
CA GLN A 237 9.58 4.18 -0.96
C GLN A 237 10.09 5.03 0.19
N GLY A 238 9.92 6.33 0.04
CA GLY A 238 10.38 7.30 1.02
C GLY A 238 10.77 8.59 0.33
N TYR A 239 11.26 9.53 1.13
CA TYR A 239 11.65 10.83 0.59
C TYR A 239 12.68 10.76 -0.53
N LEU A 240 13.57 9.78 -0.49
CA LEU A 240 14.59 9.66 -1.50
C LEU A 240 13.97 9.39 -2.86
N ILE A 241 12.87 8.65 -2.86
CA ILE A 241 12.18 8.29 -4.10
C ILE A 241 11.17 9.37 -4.48
N GLY A 242 10.38 9.77 -3.51
CA GLY A 242 9.49 10.89 -3.65
C GLY A 242 8.35 10.88 -2.64
N ARG A 243 7.95 12.07 -2.24
CA ARG A 243 6.80 12.24 -1.37
C ARG A 243 5.47 11.92 -2.09
N PRO A 244 4.39 11.62 -1.31
CA PRO A 244 3.10 11.44 -1.95
C PRO A 244 2.76 12.72 -2.71
N MET A 245 2.21 12.58 -3.90
CA MET A 245 2.00 13.72 -4.76
C MET A 245 0.63 13.69 -5.39
N PRO A 246 0.10 14.88 -5.74
CA PRO A 246 -1.17 14.90 -6.46
C PRO A 246 -1.04 14.40 -7.90
N LEU A 247 -2.18 14.05 -8.48
CA LEU A 247 -2.20 13.45 -9.83
C LEU A 247 -1.42 14.26 -10.84
N GLU A 248 -1.63 15.56 -10.88
CA GLU A 248 -0.92 16.44 -11.86
C GLU A 248 0.60 16.18 -11.84
N SER A 249 1.16 16.13 -10.63
CA SER A 249 2.60 15.90 -10.43
C SER A 249 3.01 14.50 -10.86
N LEU A 250 2.18 13.51 -10.55
CA LEU A 250 2.46 12.13 -10.94
C LEU A 250 2.51 12.04 -12.46
N LEU A 251 1.50 12.59 -13.13
CA LEU A 251 1.44 12.50 -14.61
C LEU A 251 2.63 13.17 -15.28
N SER A 252 3.07 14.29 -14.70
N SER A 252 3.06 14.31 -14.72
CA SER A 252 4.27 15.00 -15.17
CA SER A 252 4.30 14.99 -15.13
C SER A 252 5.54 14.15 -15.08
C SER A 252 5.47 14.04 -15.13
N SER A 253 5.70 13.42 -13.97
CA SER A 253 6.85 12.56 -13.78
C SER A 253 6.81 11.30 -14.61
N LEU A 254 5.62 10.72 -14.75
CA LEU A 254 5.44 9.55 -15.61
C LEU A 254 5.71 9.87 -17.08
N THR A 255 5.34 11.08 -17.49
CA THR A 255 5.56 11.52 -18.85
C THR A 255 7.05 11.51 -19.13
N VAL A 256 7.81 12.12 -18.23
CA VAL A 256 9.26 12.13 -18.32
C VAL A 256 9.87 10.71 -18.38
N GLN A 257 9.47 9.82 -17.49
CA GLN A 257 10.06 8.47 -17.46
C GLN A 257 9.72 7.65 -18.71
N GLU A 258 8.58 7.96 -19.34
CA GLU A 258 8.16 7.37 -20.60
C GLU A 258 9.16 7.66 -21.73
N GLN A 259 9.91 8.78 -21.63
CA GLN A 259 11.03 9.13 -22.55
C GLN A 259 11.40 8.08 -23.62
P PO4 B . 10.93 -18.58 16.54
O1 PO4 B . 10.25 -19.51 15.56
O2 PO4 B . 9.91 -17.65 17.17
O3 PO4 B . 11.57 -19.42 17.63
O4 PO4 B . 11.98 -17.75 15.84
#